data_3Q8H
#
_entry.id   3Q8H
#
_cell.length_a   117.690
_cell.length_b   67.760
_cell.length_c   60.020
_cell.angle_alpha   90.000
_cell.angle_beta   96.020
_cell.angle_gamma   90.000
#
_symmetry.space_group_name_H-M   'C 1 2 1'
#
loop_
_entity.id
_entity.type
_entity.pdbx_description
1 polymer '2-C-methyl-D-erythritol 2,4-cyclodiphosphate synthase'
2 non-polymer 'ZINC ION'
3 non-polymer "5'-deoxy-5'-[(imidazo[2,1-b][1,3]thiazol-5-ylcarbonyl)amino]cytidine"
4 non-polymer 'POTASSIUM ION'
5 non-polymer 1,2-ETHANEDIOL
6 water water
#
_entity_poly.entity_id   1
_entity_poly.type   'polypeptide(L)'
_entity_poly.pdbx_seq_one_letter_code
;MAHHHHHHMGTLEAQTQGPGSMDFRIGQGYDVHQLVPGRPLIIGGVTIPYERGLLGHSDADVLLHAITDALFGAAALGDI
GRHFSDTDPRFKGADSRALLRECASRVAQAGFAIRNVDSTIIAQAPKLAPHIDAMRANIAADLDLPLDRVNVKAKTNEKL
GYLGRGEGIEAQAAALVVREAAA
;
_entity_poly.pdbx_strand_id   A,B,C
#
# COMPACT_ATOMS: atom_id res chain seq x y z
N MET A 22 -22.06 6.94 -7.49
CA MET A 22 -22.07 5.45 -7.27
C MET A 22 -21.27 4.97 -6.08
N ASP A 23 -21.60 3.76 -5.64
CA ASP A 23 -21.17 3.31 -4.34
C ASP A 23 -19.88 2.54 -4.47
N PHE A 24 -18.80 3.28 -4.73
CA PHE A 24 -17.48 2.66 -4.89
C PHE A 24 -16.83 2.38 -3.54
N ARG A 25 -15.99 1.34 -3.49
CA ARG A 25 -15.26 0.97 -2.28
C ARG A 25 -13.87 0.50 -2.70
N ILE A 26 -12.89 0.80 -1.87
CA ILE A 26 -11.53 0.31 -2.11
C ILE A 26 -11.07 -0.74 -1.08
N GLY A 27 -10.19 -1.63 -1.52
CA GLY A 27 -9.62 -2.68 -0.64
C GLY A 27 -8.13 -2.76 -0.89
N GLN A 28 -7.39 -3.24 0.11
CA GLN A 28 -5.95 -3.39 -0.07
C GLN A 28 -5.57 -4.73 0.56
N GLY A 29 -4.51 -5.34 0.04
CA GLY A 29 -4.08 -6.62 0.61
C GLY A 29 -2.58 -6.75 0.64
N TYR A 30 -2.13 -7.61 1.56
CA TYR A 30 -0.73 -7.89 1.76
C TYR A 30 -0.57 -9.38 1.97
N ASP A 31 0.49 -9.96 1.42
CA ASP A 31 0.86 -11.32 1.83
C ASP A 31 2.36 -11.54 1.71
N VAL A 32 2.90 -12.45 2.52
CA VAL A 32 4.30 -12.88 2.37
C VAL A 32 4.41 -14.37 2.73
N HIS A 33 5.25 -15.12 2.01
CA HIS A 33 5.59 -16.49 2.38
C HIS A 33 7.07 -16.69 2.19
N GLN A 34 7.63 -17.59 3.00
CA GLN A 34 9.01 -18.00 2.87
C GLN A 34 9.21 -18.81 1.60
N LEU A 35 10.40 -18.67 1.01
CA LEU A 35 10.87 -19.54 -0.06
C LEU A 35 11.66 -20.71 0.50
N VAL A 36 11.29 -21.93 0.12
CA VAL A 36 11.95 -23.13 0.66
C VAL A 36 12.20 -24.13 -0.47
N PRO A 37 13.22 -25.00 -0.33
CA PRO A 37 13.43 -26.04 -1.35
C PRO A 37 12.29 -27.07 -1.35
N GLY A 38 12.07 -27.70 -2.50
CA GLY A 38 11.18 -28.84 -2.60
C GLY A 38 9.69 -28.52 -2.64
N ARG A 39 9.35 -27.25 -2.89
CA ARG A 39 7.97 -26.80 -3.14
C ARG A 39 7.98 -26.16 -4.54
N PRO A 40 6.92 -26.39 -5.34
CA PRO A 40 6.82 -25.65 -6.61
C PRO A 40 6.63 -24.14 -6.36
N LEU A 41 7.22 -23.30 -7.23
CA LEU A 41 6.95 -21.87 -7.13
C LEU A 41 5.72 -21.52 -7.97
N ILE A 42 4.65 -21.14 -7.28
CA ILE A 42 3.38 -20.77 -7.93
C ILE A 42 2.95 -19.37 -7.51
N ILE A 43 2.90 -18.45 -8.48
CA ILE A 43 2.54 -17.07 -8.21
C ILE A 43 1.55 -16.65 -9.30
N GLY A 44 0.43 -16.06 -8.89
CA GLY A 44 -0.64 -15.63 -9.82
C GLY A 44 -1.13 -16.85 -10.60
N GLY A 45 -1.05 -18.03 -9.99
CA GLY A 45 -1.53 -19.29 -10.64
C GLY A 45 -0.57 -19.86 -11.65
N VAL A 46 0.59 -19.22 -11.82
CA VAL A 46 1.59 -19.68 -12.77
C VAL A 46 2.69 -20.47 -12.07
N THR A 47 2.94 -21.70 -12.55
CA THR A 47 4.09 -22.48 -12.03
C THR A 47 5.36 -22.00 -12.71
N ILE A 48 6.29 -21.50 -11.92
CA ILE A 48 7.47 -20.85 -12.46
C ILE A 48 8.65 -21.77 -12.19
N PRO A 49 9.42 -22.13 -13.24
CA PRO A 49 10.56 -23.01 -13.01
C PRO A 49 11.50 -22.34 -12.02
N TYR A 50 11.78 -23.04 -10.93
CA TYR A 50 12.61 -22.51 -9.86
C TYR A 50 12.93 -23.62 -8.87
N GLU A 51 14.14 -23.56 -8.31
CA GLU A 51 14.65 -24.53 -7.34
C GLU A 51 14.01 -24.47 -5.94
N ARG A 52 13.25 -23.41 -5.69
CA ARG A 52 12.52 -23.22 -4.45
C ARG A 52 11.09 -22.82 -4.74
N GLY A 53 10.24 -22.97 -3.73
CA GLY A 53 8.84 -22.60 -3.85
C GLY A 53 8.36 -21.96 -2.57
N LEU A 54 7.13 -21.47 -2.58
CA LEU A 54 6.58 -20.77 -1.42
C LEU A 54 5.94 -21.77 -0.44
N LEU A 55 6.15 -21.53 0.84
CA LEU A 55 5.68 -22.43 1.90
C LEU A 55 4.47 -21.79 2.57
N GLY A 56 3.38 -22.53 2.77
CA GLY A 56 2.33 -22.00 3.64
C GLY A 56 0.91 -22.48 3.56
N HIS A 57 -0.06 -21.57 3.64
CA HIS A 57 -1.45 -21.97 3.54
C HIS A 57 -1.71 -22.38 2.07
N SER A 58 -2.27 -23.60 1.83
CA SER A 58 -2.54 -24.13 0.49
C SER A 58 -1.25 -24.23 -0.33
N ASP A 59 -1.31 -23.73 -1.57
CA ASP A 59 -0.16 -23.71 -2.47
C ASP A 59 0.70 -22.43 -2.26
N ALA A 60 0.31 -21.61 -1.29
CA ALA A 60 1.07 -20.45 -0.83
C ALA A 60 1.24 -19.38 -1.92
N ASP A 61 0.24 -19.26 -2.80
CA ASP A 61 0.32 -18.29 -3.90
C ASP A 61 0.16 -16.87 -3.34
N VAL A 62 1.28 -16.23 -3.05
CA VAL A 62 1.27 -14.93 -2.37
C VAL A 62 0.45 -13.83 -3.09
N LEU A 63 0.52 -13.82 -4.42
CA LEU A 63 -0.17 -12.78 -5.20
C LEU A 63 -1.67 -13.01 -5.12
N LEU A 64 -2.13 -14.24 -5.38
CA LEU A 64 -3.57 -14.48 -5.30
C LEU A 64 -4.11 -14.25 -3.88
N HIS A 65 -3.34 -14.61 -2.84
CA HIS A 65 -3.82 -14.34 -1.50
C HIS A 65 -3.98 -12.84 -1.25
N ALA A 66 -2.98 -12.06 -1.67
CA ALA A 66 -3.06 -10.59 -1.49
C ALA A 66 -4.28 -10.00 -2.20
N ILE A 67 -4.54 -10.49 -3.41
CA ILE A 67 -5.70 -10.00 -4.18
C ILE A 67 -7.00 -10.39 -3.49
N THR A 68 -7.05 -11.63 -3.01
CA THR A 68 -8.21 -12.15 -2.29
C THR A 68 -8.51 -11.26 -1.06
N ASP A 69 -7.48 -10.91 -0.32
CA ASP A 69 -7.63 -10.04 0.85
C ASP A 69 -8.12 -8.64 0.45
N ALA A 70 -7.62 -8.11 -0.66
CA ALA A 70 -8.05 -6.78 -1.12
C ALA A 70 -9.54 -6.81 -1.49
N LEU A 71 -9.98 -7.91 -2.12
CA LEU A 71 -11.39 -8.00 -2.52
C LEU A 71 -12.30 -8.15 -1.31
N PHE A 72 -11.95 -9.06 -0.40
CA PHE A 72 -12.75 -9.18 0.82
C PHE A 72 -12.74 -7.84 1.56
N GLY A 73 -11.60 -7.15 1.52
CA GLY A 73 -11.50 -5.90 2.28
C GLY A 73 -12.38 -4.82 1.69
N ALA A 74 -12.41 -4.74 0.36
CA ALA A 74 -13.27 -3.73 -0.32
C ALA A 74 -14.75 -3.95 -0.04
N ALA A 75 -15.14 -5.22 0.12
CA ALA A 75 -16.54 -5.62 0.39
C ALA A 75 -16.88 -5.61 1.87
N ALA A 76 -15.88 -5.29 2.70
CA ALA A 76 -16.00 -5.36 4.16
C ALA A 76 -16.47 -6.73 4.64
N LEU A 77 -15.84 -7.77 4.11
CA LEU A 77 -16.20 -9.14 4.46
C LEU A 77 -15.09 -9.83 5.26
N GLY A 78 -14.23 -9.05 5.92
CA GLY A 78 -13.18 -9.61 6.77
C GLY A 78 -11.91 -9.89 5.97
N ASP A 79 -11.39 -11.11 6.12
CA ASP A 79 -10.13 -11.46 5.44
C ASP A 79 -10.12 -12.92 5.03
N ILE A 80 -9.07 -13.32 4.34
CA ILE A 80 -9.01 -14.63 3.73
C ILE A 80 -9.11 -15.77 4.78
N GLY A 81 -8.60 -15.52 5.98
CA GLY A 81 -8.63 -16.54 7.03
C GLY A 81 -10.01 -16.74 7.65
N ARG A 82 -10.81 -15.69 7.64
CA ARG A 82 -12.22 -15.80 8.05
C ARG A 82 -12.97 -16.75 7.12
N HIS A 83 -12.69 -16.64 5.81
CA HIS A 83 -13.47 -17.38 4.81
C HIS A 83 -13.00 -18.79 4.52
N PHE A 84 -11.70 -18.99 4.66
CA PHE A 84 -11.05 -20.21 4.24
C PHE A 84 -10.16 -20.66 5.40
N SER A 85 -10.77 -21.19 6.42
CA SER A 85 -10.10 -21.87 7.53
C SER A 85 -8.87 -22.65 7.09
N ALA A 94 -4.49 -26.50 -1.14
CA ALA A 94 -5.63 -25.83 -1.81
C ALA A 94 -5.18 -25.02 -3.00
N ASP A 95 -5.93 -25.08 -4.08
CA ASP A 95 -5.65 -24.28 -5.26
C ASP A 95 -6.08 -22.86 -4.92
N SER A 96 -5.14 -21.90 -4.89
CA SER A 96 -5.49 -20.51 -4.53
C SER A 96 -6.36 -19.85 -5.60
N ARG A 97 -6.36 -20.41 -6.82
CA ARG A 97 -7.31 -19.89 -7.83
C ARG A 97 -8.73 -20.26 -7.50
N ALA A 98 -8.93 -21.47 -7.00
CA ALA A 98 -10.28 -21.87 -6.55
C ALA A 98 -10.73 -20.94 -5.39
N LEU A 99 -9.79 -20.62 -4.51
CA LEU A 99 -10.11 -19.71 -3.41
C LEU A 99 -10.44 -18.30 -3.92
N LEU A 100 -9.66 -17.82 -4.89
CA LEU A 100 -9.94 -16.51 -5.48
C LEU A 100 -11.33 -16.48 -6.15
N ARG A 101 -11.67 -17.55 -6.88
CA ARG A 101 -12.98 -17.63 -7.52
C ARG A 101 -14.12 -17.63 -6.48
N GLU A 102 -13.93 -18.33 -5.37
CA GLU A 102 -14.96 -18.37 -4.32
C GLU A 102 -15.05 -17.00 -3.66
N CYS A 103 -13.90 -16.36 -3.45
CA CYS A 103 -13.88 -14.97 -2.96
C CYS A 103 -14.71 -14.08 -3.89
N ALA A 104 -14.46 -14.17 -5.18
CA ALA A 104 -15.16 -13.34 -6.16
C ALA A 104 -16.66 -13.61 -6.12
N SER A 105 -17.04 -14.87 -5.90
CA SER A 105 -18.45 -15.24 -5.80
C SER A 105 -19.12 -14.62 -4.56
N ARG A 106 -18.40 -14.61 -3.44
CA ARG A 106 -18.95 -14.05 -2.21
C ARG A 106 -19.06 -12.53 -2.32
N VAL A 107 -18.09 -11.90 -2.96
CA VAL A 107 -18.08 -10.44 -3.15
C VAL A 107 -19.26 -10.06 -4.04
N ALA A 108 -19.50 -10.86 -5.07
CA ALA A 108 -20.66 -10.64 -5.96
C ALA A 108 -21.95 -10.87 -5.16
N GLN A 109 -21.96 -11.92 -4.34
CA GLN A 109 -23.18 -12.23 -3.55
C GLN A 109 -23.49 -11.12 -2.55
N ALA A 110 -22.46 -10.41 -2.12
CA ALA A 110 -22.62 -9.29 -1.19
C ALA A 110 -23.14 -8.05 -1.92
N GLY A 111 -23.19 -8.13 -3.25
CA GLY A 111 -23.73 -7.06 -4.10
C GLY A 111 -22.71 -6.21 -4.83
N PHE A 112 -21.44 -6.61 -4.83
CA PHE A 112 -20.39 -5.80 -5.47
C PHE A 112 -19.98 -6.34 -6.83
N ALA A 113 -19.68 -5.41 -7.74
CA ALA A 113 -19.05 -5.72 -8.99
C ALA A 113 -17.59 -5.27 -8.88
N ILE A 114 -16.65 -6.08 -9.36
CA ILE A 114 -15.24 -5.66 -9.32
C ILE A 114 -14.94 -4.72 -10.52
N ARG A 115 -14.32 -3.58 -10.24
CA ARG A 115 -13.94 -2.63 -11.32
C ARG A 115 -12.49 -2.79 -11.78
N ASN A 116 -11.53 -2.92 -10.85
CA ASN A 116 -10.16 -3.23 -11.31
C ASN A 116 -9.33 -3.76 -10.18
N VAL A 117 -8.22 -4.37 -10.55
CA VAL A 117 -7.25 -4.86 -9.57
C VAL A 117 -5.88 -4.42 -10.02
N ASP A 118 -5.07 -3.98 -9.07
CA ASP A 118 -3.65 -3.72 -9.32
C ASP A 118 -2.84 -4.42 -8.25
N SER A 119 -1.59 -4.72 -8.54
CA SER A 119 -0.83 -5.52 -7.61
C SER A 119 0.66 -5.40 -7.84
N THR A 120 1.46 -5.77 -6.83
CA THR A 120 2.93 -5.78 -6.98
C THR A 120 3.44 -7.06 -6.31
N ILE A 121 4.40 -7.73 -6.96
CA ILE A 121 5.11 -8.87 -6.36
C ILE A 121 6.51 -8.35 -6.10
N ILE A 122 7.03 -8.58 -4.88
CA ILE A 122 8.39 -8.17 -4.59
C ILE A 122 9.22 -9.46 -4.40
N ALA A 123 10.16 -9.70 -5.31
CA ALA A 123 11.04 -10.91 -5.30
C ALA A 123 12.42 -10.58 -5.85
N GLN A 124 13.48 -10.99 -5.14
CA GLN A 124 14.88 -10.89 -5.62
C GLN A 124 15.06 -11.71 -6.91
N ALA A 125 14.34 -12.83 -6.97
CA ALA A 125 14.45 -13.82 -8.03
C ALA A 125 13.29 -14.80 -7.86
N PRO A 126 12.94 -15.55 -8.92
CA PRO A 126 13.53 -15.48 -10.26
C PRO A 126 13.00 -14.25 -11.00
N LYS A 127 13.42 -14.10 -12.27
CA LYS A 127 12.87 -13.05 -13.15
C LYS A 127 11.41 -13.38 -13.43
N LEU A 128 10.53 -12.41 -13.13
CA LEU A 128 9.07 -12.66 -13.20
C LEU A 128 8.46 -12.14 -14.49
N ALA A 129 9.15 -11.20 -15.15
CA ALA A 129 8.62 -10.55 -16.37
C ALA A 129 8.01 -11.52 -17.39
N PRO A 130 8.71 -12.64 -17.71
CA PRO A 130 8.18 -13.56 -18.73
C PRO A 130 6.86 -14.23 -18.35
N HIS A 131 6.47 -14.09 -17.08
CA HIS A 131 5.30 -14.80 -16.53
C HIS A 131 4.16 -13.87 -16.20
N ILE A 132 4.42 -12.57 -16.21
CA ILE A 132 3.46 -11.60 -15.70
C ILE A 132 2.16 -11.62 -16.50
N ASP A 133 2.26 -11.67 -17.82
CA ASP A 133 1.05 -11.68 -18.64
C ASP A 133 0.17 -12.91 -18.36
N ALA A 134 0.80 -14.05 -18.15
CA ALA A 134 0.03 -15.27 -17.80
C ALA A 134 -0.69 -15.09 -16.43
N MET A 135 -0.01 -14.45 -15.47
CA MET A 135 -0.64 -14.20 -14.16
C MET A 135 -1.85 -13.31 -14.32
N ARG A 136 -1.68 -12.25 -15.10
CA ARG A 136 -2.76 -11.32 -15.36
C ARG A 136 -3.99 -12.01 -15.96
N ALA A 137 -3.73 -12.90 -16.94
CA ALA A 137 -4.80 -13.67 -17.57
C ALA A 137 -5.52 -14.58 -16.60
N ASN A 138 -4.77 -15.20 -15.69
CA ASN A 138 -5.38 -16.08 -14.68
C ASN A 138 -6.29 -15.31 -13.74
N ILE A 139 -5.81 -14.16 -13.31
CA ILE A 139 -6.57 -13.36 -12.37
C ILE A 139 -7.83 -12.87 -13.07
N ALA A 140 -7.66 -12.35 -14.29
CA ALA A 140 -8.79 -11.85 -15.07
C ALA A 140 -9.87 -12.95 -15.24
N ALA A 141 -9.43 -14.17 -15.56
CA ALA A 141 -10.37 -15.29 -15.70
C ALA A 141 -11.12 -15.55 -14.39
N ASP A 142 -10.39 -15.57 -13.29
CA ASP A 142 -10.97 -15.94 -11.97
C ASP A 142 -11.93 -14.89 -11.46
N LEU A 143 -11.70 -13.63 -11.86
CA LEU A 143 -12.57 -12.53 -11.47
C LEU A 143 -13.60 -12.16 -12.52
N ASP A 144 -13.58 -12.87 -13.64
CA ASP A 144 -14.44 -12.56 -14.78
C ASP A 144 -14.30 -11.11 -15.21
N LEU A 145 -13.04 -10.68 -15.35
CA LEU A 145 -12.73 -9.36 -15.81
C LEU A 145 -12.02 -9.44 -17.15
N PRO A 146 -12.15 -8.40 -17.97
CA PRO A 146 -11.26 -8.28 -19.12
C PRO A 146 -9.84 -8.01 -18.66
N LEU A 147 -8.86 -8.38 -19.49
CA LEU A 147 -7.46 -8.16 -19.14
C LEU A 147 -7.13 -6.73 -18.77
N ASP A 148 -7.80 -5.80 -19.39
CA ASP A 148 -7.48 -4.40 -19.25
C ASP A 148 -7.91 -3.82 -17.92
N ARG A 149 -8.50 -4.65 -17.07
CA ARG A 149 -8.91 -4.22 -15.73
C ARG A 149 -8.07 -4.91 -14.66
N VAL A 150 -7.03 -5.64 -15.10
CA VAL A 150 -6.16 -6.38 -14.18
C VAL A 150 -4.73 -6.01 -14.46
N ASN A 151 -3.98 -5.71 -13.38
CA ASN A 151 -2.55 -5.36 -13.56
C ASN A 151 -1.69 -6.00 -12.49
N VAL A 152 -0.50 -6.48 -12.91
CA VAL A 152 0.48 -7.14 -12.02
C VAL A 152 1.84 -6.53 -12.33
N LYS A 153 2.47 -6.02 -11.27
CA LYS A 153 3.79 -5.38 -11.39
C LYS A 153 4.81 -6.17 -10.58
N ALA A 154 6.07 -6.12 -11.00
CA ALA A 154 7.09 -6.84 -10.24
C ALA A 154 8.19 -5.87 -9.84
N LYS A 155 8.76 -6.10 -8.65
CA LYS A 155 9.82 -5.25 -8.11
C LYS A 155 10.86 -6.14 -7.47
N THR A 156 12.12 -5.75 -7.53
CA THR A 156 13.06 -6.36 -6.58
C THR A 156 12.97 -5.50 -5.30
N ASN A 157 13.64 -5.94 -4.25
CA ASN A 157 13.77 -5.11 -3.07
C ASN A 157 15.13 -4.40 -2.94
N GLU A 158 15.78 -4.23 -4.09
CA GLU A 158 17.08 -3.57 -4.19
C GLU A 158 18.08 -4.10 -3.16
N LYS A 159 18.09 -5.44 -3.02
CA LYS A 159 19.00 -6.20 -2.15
C LYS A 159 18.78 -5.98 -0.65
N LEU A 160 17.70 -5.32 -0.25
CA LEU A 160 17.50 -5.00 1.17
C LEU A 160 16.62 -6.02 1.89
N GLY A 161 17.02 -6.32 3.13
CA GLY A 161 16.18 -7.11 4.06
C GLY A 161 15.99 -8.56 3.64
N TYR A 162 15.05 -9.23 4.30
CA TYR A 162 14.84 -10.67 4.03
C TYR A 162 14.34 -10.87 2.57
N LEU A 163 13.66 -9.87 2.00
CA LEU A 163 13.27 -9.99 0.59
C LEU A 163 14.51 -9.90 -0.29
N GLY A 164 15.41 -8.98 0.04
CA GLY A 164 16.64 -8.81 -0.74
C GLY A 164 17.54 -10.03 -0.66
N ARG A 165 17.42 -10.77 0.43
CA ARG A 165 18.22 -12.00 0.65
C ARG A 165 17.54 -13.24 0.08
N GLY A 166 16.39 -13.02 -0.56
CA GLY A 166 15.64 -14.12 -1.20
C GLY A 166 15.04 -15.14 -0.24
N GLU A 167 14.71 -14.69 0.98
CA GLU A 167 14.16 -15.56 2.01
C GLU A 167 12.67 -15.77 1.86
N GLY A 168 12.02 -14.85 1.13
CA GLY A 168 10.59 -14.95 0.87
C GLY A 168 10.19 -14.03 -0.28
N ILE A 169 8.90 -14.06 -0.61
CA ILE A 169 8.35 -13.17 -1.64
C ILE A 169 7.10 -12.51 -1.06
N GLU A 170 6.94 -11.22 -1.33
CA GLU A 170 5.79 -10.47 -0.84
C GLU A 170 4.90 -10.11 -2.02
N ALA A 171 3.60 -9.94 -1.76
CA ALA A 171 2.72 -9.35 -2.74
C ALA A 171 1.84 -8.28 -2.08
N GLN A 172 1.51 -7.25 -2.84
CA GLN A 172 0.62 -6.17 -2.40
C GLN A 172 -0.48 -6.08 -3.45
N ALA A 173 -1.70 -5.73 -3.03
CA ALA A 173 -2.82 -5.60 -3.99
C ALA A 173 -3.72 -4.46 -3.64
N ALA A 174 -4.37 -3.90 -4.66
CA ALA A 174 -5.40 -2.91 -4.44
C ALA A 174 -6.57 -3.29 -5.34
N ALA A 175 -7.79 -3.14 -4.83
CA ALA A 175 -8.95 -3.42 -5.68
C ALA A 175 -10.01 -2.35 -5.52
N LEU A 176 -10.68 -2.03 -6.62
CA LEU A 176 -11.85 -1.11 -6.59
C LEU A 176 -13.08 -1.91 -6.98
N VAL A 177 -14.13 -1.80 -6.17
CA VAL A 177 -15.41 -2.46 -6.46
C VAL A 177 -16.50 -1.38 -6.40
N VAL A 178 -17.70 -1.74 -6.88
CA VAL A 178 -18.84 -0.85 -6.77
C VAL A 178 -20.05 -1.65 -6.34
N ARG A 179 -20.81 -1.13 -5.38
CA ARG A 179 -21.98 -1.88 -4.92
C ARG A 179 -23.12 -1.63 -5.86
N GLU A 180 -23.61 -2.73 -6.43
CA GLU A 180 -24.83 -2.84 -7.26
C GLU A 180 -24.49 -2.98 -8.75
N MET B 22 -18.25 11.87 -10.59
CA MET B 22 -18.16 12.38 -9.19
C MET B 22 -16.74 12.45 -8.63
N ASP B 23 -16.51 13.20 -7.55
CA ASP B 23 -15.15 13.62 -7.20
C ASP B 23 -14.49 12.77 -6.11
N PHE B 24 -14.22 11.54 -6.48
CA PHE B 24 -13.62 10.57 -5.57
C PHE B 24 -12.13 10.81 -5.45
N ARG B 25 -11.55 10.48 -4.30
CA ARG B 25 -10.11 10.53 -4.04
C ARG B 25 -9.70 9.31 -3.20
N ILE B 26 -8.49 8.83 -3.40
CA ILE B 26 -7.97 7.76 -2.58
C ILE B 26 -6.84 8.19 -1.70
N GLY B 27 -6.72 7.49 -0.58
CA GLY B 27 -5.65 7.71 0.34
C GLY B 27 -5.08 6.41 0.86
N GLN B 28 -3.83 6.45 1.30
CA GLN B 28 -3.21 5.24 1.83
C GLN B 28 -2.37 5.59 3.04
N GLY B 29 -2.20 4.65 3.96
CA GLY B 29 -1.51 4.96 5.22
C GLY B 29 -0.69 3.76 5.66
N TYR B 30 0.38 4.08 6.39
CA TYR B 30 1.32 3.10 6.88
C TYR B 30 1.70 3.52 8.29
N ASP B 31 1.84 2.56 9.18
CA ASP B 31 2.49 2.87 10.46
C ASP B 31 3.17 1.61 11.02
N VAL B 32 4.16 1.79 11.88
CA VAL B 32 4.76 0.63 12.59
C VAL B 32 5.24 1.14 13.96
N HIS B 33 5.14 0.31 14.97
CA HIS B 33 5.71 0.62 16.29
C HIS B 33 6.40 -0.61 16.84
N GLN B 34 7.45 -0.41 17.66
CA GLN B 34 8.12 -1.54 18.31
C GLN B 34 7.21 -2.15 19.40
N LEU B 35 7.37 -3.44 19.62
CA LEU B 35 6.62 -4.20 20.60
C LEU B 35 7.55 -4.54 21.78
N VAL B 36 7.27 -4.01 22.97
CA VAL B 36 8.13 -4.23 24.15
C VAL B 36 7.36 -4.63 25.41
N PRO B 37 7.98 -5.43 26.32
CA PRO B 37 7.39 -5.58 27.65
C PRO B 37 7.22 -4.22 28.28
N GLY B 38 6.12 -4.04 29.02
CA GLY B 38 5.95 -2.88 29.90
C GLY B 38 4.85 -1.91 29.52
N ARG B 39 4.28 -2.08 28.32
CA ARG B 39 3.19 -1.21 27.86
C ARG B 39 2.01 -2.09 27.48
N PRO B 40 0.77 -1.55 27.59
CA PRO B 40 -0.39 -2.32 27.18
C PRO B 40 -0.44 -2.33 25.66
N LEU B 41 -1.02 -3.39 25.10
CA LEU B 41 -1.19 -3.50 23.66
C LEU B 41 -2.55 -2.95 23.26
N ILE B 42 -2.56 -1.84 22.52
CA ILE B 42 -3.81 -1.21 22.13
C ILE B 42 -3.78 -1.07 20.62
N ILE B 43 -4.75 -1.71 19.97
CA ILE B 43 -4.84 -1.67 18.52
C ILE B 43 -6.29 -1.46 18.15
N GLY B 44 -6.56 -0.45 17.30
CA GLY B 44 -7.93 -0.11 16.90
C GLY B 44 -8.81 0.30 18.07
N GLY B 45 -8.20 0.90 19.08
CA GLY B 45 -8.94 1.31 20.29
C GLY B 45 -9.14 0.20 21.30
N VAL B 46 -8.72 -1.02 20.96
CA VAL B 46 -8.94 -2.20 21.80
C VAL B 46 -7.72 -2.59 22.60
N THR B 47 -7.89 -2.73 23.91
CA THR B 47 -6.83 -3.27 24.75
C THR B 47 -6.83 -4.79 24.65
N ILE B 48 -5.72 -5.36 24.19
CA ILE B 48 -5.63 -6.78 23.94
C ILE B 48 -4.62 -7.39 24.92
N PRO B 49 -5.04 -8.45 25.66
CA PRO B 49 -4.14 -9.03 26.68
C PRO B 49 -2.92 -9.60 26.01
N TYR B 50 -1.77 -9.21 26.52
CA TYR B 50 -0.50 -9.59 25.94
C TYR B 50 0.61 -9.11 26.86
N GLU B 51 1.72 -9.82 26.86
CA GLU B 51 2.84 -9.53 27.75
C GLU B 51 3.54 -8.23 27.36
N ARG B 52 3.27 -7.77 26.14
CA ARG B 52 3.97 -6.64 25.55
C ARG B 52 3.02 -5.68 24.88
N GLY B 53 3.49 -4.47 24.65
CA GLY B 53 2.66 -3.45 24.06
C GLY B 53 3.47 -2.53 23.16
N LEU B 54 2.77 -1.63 22.48
CA LEU B 54 3.43 -0.79 21.48
C LEU B 54 3.93 0.52 22.06
N LEU B 55 5.10 0.95 21.58
CA LEU B 55 5.76 2.17 22.04
C LEU B 55 5.75 3.24 20.95
N GLY B 56 5.43 4.48 21.29
CA GLY B 56 5.38 5.52 20.28
C GLY B 56 4.61 6.82 20.42
N HIS B 57 4.29 7.40 19.28
CA HIS B 57 3.47 8.61 19.26
C HIS B 57 2.11 8.31 19.86
N SER B 58 1.56 9.24 20.61
CA SER B 58 0.29 9.03 21.29
C SER B 58 0.35 7.75 22.16
N ASP B 59 -0.72 6.95 22.14
CA ASP B 59 -0.82 5.61 22.75
C ASP B 59 -0.31 4.51 21.79
N ALA B 60 0.34 4.91 20.71
CA ALA B 60 0.97 3.99 19.74
C ALA B 60 0.00 3.03 19.05
N ASP B 61 -1.27 3.43 18.95
CA ASP B 61 -2.26 2.63 18.23
C ASP B 61 -1.97 2.64 16.70
N VAL B 62 -1.21 1.63 16.27
CA VAL B 62 -0.65 1.58 14.94
C VAL B 62 -1.76 1.54 13.90
N LEU B 63 -2.89 0.91 14.22
CA LEU B 63 -3.96 0.79 13.23
C LEU B 63 -4.68 2.13 13.07
N LEU B 64 -5.00 2.80 14.19
CA LEU B 64 -5.69 4.09 14.07
C LEU B 64 -4.80 5.14 13.39
N HIS B 65 -3.51 5.12 13.68
CA HIS B 65 -2.56 6.05 13.02
C HIS B 65 -2.54 5.84 11.49
N ALA B 66 -2.46 4.58 11.04
CA ALA B 66 -2.44 4.34 9.61
C ALA B 66 -3.72 4.83 8.94
N ILE B 67 -4.84 4.57 9.59
CA ILE B 67 -6.12 5.00 9.04
C ILE B 67 -6.20 6.55 8.96
N THR B 68 -5.74 7.20 10.04
CA THR B 68 -5.70 8.67 10.11
C THR B 68 -4.88 9.21 8.93
N ASP B 69 -3.69 8.63 8.71
CA ASP B 69 -2.84 9.03 7.57
C ASP B 69 -3.52 8.80 6.21
N ALA B 70 -4.20 7.67 6.06
CA ALA B 70 -4.93 7.43 4.80
C ALA B 70 -6.02 8.49 4.57
N LEU B 71 -6.69 8.90 5.63
CA LEU B 71 -7.77 9.89 5.50
C LEU B 71 -7.22 11.28 5.16
N PHE B 72 -6.20 11.73 5.87
CA PHE B 72 -5.53 13.00 5.53
C PHE B 72 -4.98 12.94 4.11
N GLY B 73 -4.49 11.76 3.70
CA GLY B 73 -3.93 11.58 2.37
C GLY B 73 -4.98 11.71 1.28
N ALA B 74 -6.16 11.12 1.49
CA ALA B 74 -7.25 11.19 0.50
C ALA B 74 -7.70 12.64 0.34
N ALA B 75 -7.65 13.40 1.42
CA ALA B 75 -8.11 14.80 1.40
C ALA B 75 -7.01 15.78 0.99
N ALA B 76 -5.81 15.24 0.77
CA ALA B 76 -4.61 16.03 0.43
C ALA B 76 -4.31 17.09 1.50
N LEU B 77 -4.38 16.63 2.75
CA LEU B 77 -4.16 17.48 3.92
C LEU B 77 -2.85 17.18 4.65
N GLY B 78 -1.89 16.60 3.96
CA GLY B 78 -0.58 16.35 4.56
C GLY B 78 -0.62 15.04 5.33
N ASP B 79 -0.21 15.06 6.60
CA ASP B 79 -0.15 13.81 7.36
C ASP B 79 -0.41 14.03 8.85
N ILE B 80 -0.49 12.94 9.59
CA ILE B 80 -0.85 12.98 10.99
C ILE B 80 0.06 13.91 11.81
N GLY B 81 1.36 13.94 11.49
CA GLY B 81 2.32 14.76 12.25
C GLY B 81 2.18 16.25 11.96
N ARG B 82 1.61 16.57 10.80
CA ARG B 82 1.38 17.96 10.42
C ARG B 82 0.22 18.53 11.21
N HIS B 83 -0.72 17.66 11.54
CA HIS B 83 -1.91 18.05 12.28
C HIS B 83 -1.73 18.00 13.79
N PHE B 84 -1.08 16.96 14.29
CA PHE B 84 -1.11 16.70 15.73
C PHE B 84 0.26 16.71 16.41
N PRO B 89 0.56 19.80 22.36
CA PRO B 89 0.03 21.16 22.42
C PRO B 89 -1.42 21.09 22.77
N ARG B 90 -2.31 21.31 21.84
CA ARG B 90 -3.71 21.01 22.17
C ARG B 90 -3.99 19.49 22.15
N PHE B 91 -2.97 18.72 21.76
CA PHE B 91 -3.12 17.28 21.62
C PHE B 91 -2.24 16.40 22.47
N LYS B 92 -1.49 16.96 23.40
CA LYS B 92 -0.63 16.13 24.24
C LYS B 92 -1.51 15.24 25.09
N GLY B 93 -1.20 13.97 25.11
CA GLY B 93 -1.94 13.02 25.90
C GLY B 93 -3.24 12.59 25.25
N ALA B 94 -3.64 13.21 24.15
CA ALA B 94 -4.86 12.80 23.45
C ALA B 94 -4.60 11.39 22.96
N ASP B 95 -5.59 10.53 23.05
CA ASP B 95 -5.42 9.18 22.59
C ASP B 95 -5.81 9.10 21.12
N SER B 96 -5.49 7.99 20.48
CA SER B 96 -5.58 7.91 19.02
C SER B 96 -7.00 8.00 18.46
N ARG B 97 -7.99 7.64 19.27
CA ARG B 97 -9.37 7.74 18.84
C ARG B 97 -9.79 9.20 18.79
N ALA B 98 -9.35 9.99 19.79
CA ALA B 98 -9.54 11.43 19.74
C ALA B 98 -8.92 12.04 18.48
N LEU B 99 -7.69 11.61 18.15
CA LEU B 99 -7.01 12.04 16.94
C LEU B 99 -7.75 11.65 15.67
N LEU B 100 -8.26 10.43 15.63
CA LEU B 100 -9.04 9.95 14.49
C LEU B 100 -10.30 10.80 14.30
N ARG B 101 -10.97 11.10 15.41
CA ARG B 101 -12.19 11.88 15.38
C ARG B 101 -11.92 13.29 14.87
N GLU B 102 -10.81 13.88 15.32
CA GLU B 102 -10.46 15.22 14.84
C GLU B 102 -10.08 15.18 13.37
N CYS B 103 -9.36 14.13 12.99
CA CYS B 103 -9.02 13.90 11.58
C CYS B 103 -10.32 13.92 10.75
N ALA B 104 -11.29 13.11 11.16
CA ALA B 104 -12.57 13.02 10.44
C ALA B 104 -13.28 14.37 10.27
N SER B 105 -13.21 15.21 11.30
N SER B 105 -13.21 15.21 11.30
CA SER B 105 -13.76 16.57 11.27
CA SER B 105 -13.77 16.56 11.25
C SER B 105 -13.09 17.46 10.23
C SER B 105 -13.10 17.44 10.19
N ARG B 106 -11.77 17.37 10.11
CA ARG B 106 -11.00 18.19 9.18
C ARG B 106 -11.24 17.74 7.75
N VAL B 107 -11.36 16.42 7.57
CA VAL B 107 -11.66 15.86 6.27
C VAL B 107 -13.02 16.36 5.77
N ALA B 108 -14.00 16.36 6.65
CA ALA B 108 -15.31 16.89 6.30
C ALA B 108 -15.27 18.41 5.99
N GLN B 109 -14.54 19.18 6.79
CA GLN B 109 -14.55 20.64 6.57
C GLN B 109 -13.82 20.97 5.26
N ALA B 110 -12.97 20.03 4.81
CA ALA B 110 -12.31 20.19 3.51
C ALA B 110 -13.25 19.86 2.34
N GLY B 111 -14.47 19.41 2.66
CA GLY B 111 -15.48 19.10 1.64
C GLY B 111 -15.68 17.62 1.32
N PHE B 112 -15.00 16.73 2.04
CA PHE B 112 -15.04 15.27 1.74
C PHE B 112 -15.91 14.44 2.67
N ALA B 113 -16.67 13.51 2.09
CA ALA B 113 -17.43 12.50 2.85
C ALA B 113 -16.63 11.20 2.72
N ILE B 114 -16.49 10.45 3.82
CA ILE B 114 -15.73 9.17 3.78
C ILE B 114 -16.66 8.09 3.23
N ARG B 115 -16.16 7.33 2.24
CA ARG B 115 -16.95 6.27 1.66
C ARG B 115 -16.58 4.90 2.25
N ASN B 116 -15.29 4.59 2.39
CA ASN B 116 -14.92 3.35 3.09
C ASN B 116 -13.47 3.34 3.55
N VAL B 117 -13.19 2.44 4.50
CA VAL B 117 -11.82 2.23 4.97
C VAL B 117 -11.53 0.73 4.98
N ASP B 118 -10.36 0.34 4.49
CA ASP B 118 -9.90 -1.03 4.66
C ASP B 118 -8.50 -1.00 5.22
N SER B 119 -8.07 -2.08 5.86
CA SER B 119 -6.80 -2.04 6.59
C SER B 119 -6.30 -3.45 6.88
N THR B 120 -5.02 -3.55 7.19
CA THR B 120 -4.38 -4.81 7.56
C THR B 120 -3.45 -4.50 8.71
N ILE B 121 -3.52 -5.35 9.73
CA ILE B 121 -2.54 -5.37 10.80
C ILE B 121 -1.62 -6.56 10.57
N ILE B 122 -0.30 -6.32 10.58
CA ILE B 122 0.65 -7.43 10.50
C ILE B 122 1.29 -7.63 11.87
N ALA B 123 0.97 -8.75 12.52
CA ALA B 123 1.49 -9.05 13.85
C ALA B 123 1.67 -10.55 13.89
N GLN B 124 2.86 -11.01 14.29
CA GLN B 124 3.06 -12.44 14.40
C GLN B 124 2.17 -13.02 15.52
N ALA B 125 1.94 -12.21 16.55
CA ALA B 125 1.16 -12.59 17.72
C ALA B 125 0.80 -11.30 18.45
N PRO B 126 -0.27 -11.31 19.26
CA PRO B 126 -1.21 -12.39 19.60
C PRO B 126 -2.25 -12.54 18.49
N LYS B 127 -3.18 -13.46 18.65
CA LYS B 127 -4.28 -13.67 17.70
C LYS B 127 -5.21 -12.46 17.79
N LEU B 128 -5.49 -11.86 16.63
CA LEU B 128 -6.27 -10.64 16.60
C LEU B 128 -7.71 -10.87 16.21
N ALA B 129 -7.97 -12.01 15.57
CA ALA B 129 -9.34 -12.33 15.11
C ALA B 129 -10.48 -12.03 16.12
N PRO B 130 -10.31 -12.42 17.42
CA PRO B 130 -11.39 -12.18 18.38
C PRO B 130 -11.73 -10.69 18.57
N HIS B 131 -10.79 -9.82 18.23
CA HIS B 131 -10.88 -8.40 18.54
C HIS B 131 -11.34 -7.54 17.35
N ILE B 132 -11.52 -8.17 16.19
CA ILE B 132 -11.72 -7.44 14.94
C ILE B 132 -13.04 -6.65 14.95
N ASP B 133 -14.11 -7.28 15.38
CA ASP B 133 -15.39 -6.58 15.43
C ASP B 133 -15.36 -5.35 16.35
N ALA B 134 -14.64 -5.45 17.46
CA ALA B 134 -14.48 -4.35 18.41
C ALA B 134 -13.70 -3.19 17.75
N MET B 135 -12.63 -3.53 17.02
CA MET B 135 -11.88 -2.51 16.30
C MET B 135 -12.73 -1.82 15.25
N ARG B 136 -13.44 -2.61 14.45
CA ARG B 136 -14.34 -2.08 13.42
C ARG B 136 -15.38 -1.16 14.01
N ALA B 137 -15.99 -1.61 15.10
CA ALA B 137 -16.98 -0.79 15.81
C ALA B 137 -16.39 0.54 16.30
N ASN B 138 -15.18 0.53 16.89
CA ASN B 138 -14.56 1.79 17.34
C ASN B 138 -14.30 2.74 16.18
N ILE B 139 -13.74 2.19 15.09
CA ILE B 139 -13.38 3.00 13.94
C ILE B 139 -14.63 3.58 13.28
N ALA B 140 -15.65 2.75 13.07
CA ALA B 140 -16.91 3.23 12.44
C ALA B 140 -17.56 4.34 13.26
N ALA B 141 -17.56 4.15 14.58
CA ALA B 141 -18.05 5.19 15.51
C ALA B 141 -17.30 6.52 15.36
N ASP B 142 -15.96 6.45 15.39
CA ASP B 142 -15.11 7.63 15.30
C ASP B 142 -15.22 8.31 13.93
N LEU B 143 -15.48 7.53 12.89
CA LEU B 143 -15.65 8.11 11.55
C LEU B 143 -17.10 8.40 11.18
N ASP B 144 -18.04 8.12 12.07
CA ASP B 144 -19.47 8.24 11.75
C ASP B 144 -19.85 7.48 10.46
N LEU B 145 -19.35 6.24 10.36
CA LEU B 145 -19.62 5.41 9.18
C LEU B 145 -20.47 4.20 9.54
N PRO B 146 -21.32 3.74 8.61
CA PRO B 146 -21.95 2.44 8.81
C PRO B 146 -20.87 1.38 8.95
N LEU B 147 -21.13 0.37 9.78
CA LEU B 147 -20.14 -0.68 10.07
C LEU B 147 -19.64 -1.33 8.78
N ASP B 148 -20.53 -1.48 7.81
CA ASP B 148 -20.19 -2.18 6.56
C ASP B 148 -19.32 -1.38 5.58
N ARG B 149 -18.83 -0.23 6.04
CA ARG B 149 -17.89 0.60 5.26
C ARG B 149 -16.53 0.60 5.93
N VAL B 150 -16.36 -0.26 6.94
CA VAL B 150 -15.12 -0.33 7.71
C VAL B 150 -14.63 -1.77 7.79
N ASN B 151 -13.40 -2.03 7.37
CA ASN B 151 -12.88 -3.39 7.45
C ASN B 151 -11.46 -3.45 8.03
N VAL B 152 -11.18 -4.49 8.81
CA VAL B 152 -9.86 -4.68 9.39
C VAL B 152 -9.46 -6.14 9.15
N LYS B 153 -8.25 -6.34 8.60
CA LYS B 153 -7.72 -7.68 8.31
C LYS B 153 -6.46 -7.88 9.11
N ALA B 154 -6.08 -9.13 9.34
CA ALA B 154 -4.89 -9.42 10.12
C ALA B 154 -4.02 -10.44 9.38
N LYS B 155 -2.70 -10.29 9.49
CA LYS B 155 -1.75 -11.20 8.84
C LYS B 155 -0.61 -11.47 9.80
N THR B 156 -0.03 -12.67 9.74
CA THR B 156 1.31 -12.85 10.31
C THR B 156 2.34 -12.48 9.25
N ASN B 157 3.62 -12.48 9.64
CA ASN B 157 4.67 -12.24 8.67
C ASN B 157 5.47 -13.48 8.34
N GLU B 158 4.87 -14.64 8.63
CA GLU B 158 5.47 -15.93 8.33
C GLU B 158 6.89 -16.04 8.89
N LYS B 159 7.05 -15.49 10.08
CA LYS B 159 8.31 -15.53 10.85
C LYS B 159 9.48 -14.81 10.19
N LEU B 160 9.19 -13.95 9.22
CA LEU B 160 10.21 -13.19 8.52
C LEU B 160 10.38 -11.78 9.05
N GLY B 161 11.61 -11.38 9.24
CA GLY B 161 11.92 -10.01 9.56
C GLY B 161 11.57 -9.64 10.96
N TYR B 162 11.67 -8.37 11.28
CA TYR B 162 11.36 -7.90 12.60
C TYR B 162 9.91 -8.16 12.98
N LEU B 163 8.99 -8.07 12.02
CA LEU B 163 7.59 -8.40 12.31
C LEU B 163 7.46 -9.88 12.63
N GLY B 164 8.14 -10.72 11.86
CA GLY B 164 8.05 -12.16 12.05
C GLY B 164 8.66 -12.61 13.37
N ARG B 165 9.60 -11.83 13.88
CA ARG B 165 10.25 -12.16 15.17
C ARG B 165 9.52 -11.51 16.34
N GLY B 166 8.42 -10.81 16.04
CA GLY B 166 7.59 -10.20 17.09
C GLY B 166 8.20 -8.94 17.68
N GLU B 167 9.00 -8.24 16.90
CA GLU B 167 9.69 -7.06 17.39
C GLU B 167 8.88 -5.77 17.21
N GLY B 168 7.81 -5.86 16.43
CA GLY B 168 6.98 -4.70 16.16
C GLY B 168 5.72 -5.16 15.47
N ILE B 169 4.77 -4.24 15.31
CA ILE B 169 3.53 -4.54 14.57
C ILE B 169 3.31 -3.42 13.55
N GLU B 170 2.90 -3.79 12.35
CA GLU B 170 2.70 -2.83 11.27
C GLU B 170 1.19 -2.74 11.00
N ALA B 171 0.74 -1.56 10.57
CA ALA B 171 -0.62 -1.42 9.98
C ALA B 171 -0.58 -0.71 8.62
N GLN B 172 -1.46 -1.15 7.73
CA GLN B 172 -1.61 -0.52 6.41
C GLN B 172 -3.07 -0.15 6.32
N ALA B 173 -3.38 0.99 5.68
CA ALA B 173 -4.76 1.41 5.51
C ALA B 173 -5.00 1.99 4.13
N ALA B 174 -6.23 1.84 3.63
CA ALA B 174 -6.67 2.51 2.40
C ALA B 174 -8.00 3.17 2.72
N ALA B 175 -8.23 4.39 2.19
CA ALA B 175 -9.47 5.11 2.39
C ALA B 175 -9.97 5.72 1.09
N LEU B 176 -11.27 5.62 0.87
CA LEU B 176 -11.88 6.29 -0.27
C LEU B 176 -12.83 7.38 0.24
N VAL B 177 -12.74 8.57 -0.34
CA VAL B 177 -13.59 9.69 0.04
C VAL B 177 -14.18 10.30 -1.24
N VAL B 178 -15.16 11.21 -1.08
CA VAL B 178 -15.74 11.90 -2.19
C VAL B 178 -16.04 13.34 -1.78
N ARG B 179 -15.65 14.29 -2.62
CA ARG B 179 -15.88 15.70 -2.36
C ARG B 179 -17.36 15.96 -2.57
N GLU B 180 -18.04 16.37 -1.49
CA GLU B 180 -19.51 16.53 -1.42
C GLU B 180 -20.29 15.28 -1.81
N MET C 22 -17.65 7.56 -15.23
CA MET C 22 -17.67 6.76 -13.95
C MET C 22 -16.76 5.53 -14.01
N ASP C 23 -15.89 5.46 -15.02
CA ASP C 23 -14.99 4.30 -15.10
C ASP C 23 -13.72 4.58 -14.30
N PHE C 24 -13.85 4.61 -12.98
CA PHE C 24 -12.68 4.77 -12.10
C PHE C 24 -11.84 3.51 -11.94
N ARG C 25 -10.54 3.71 -11.72
CA ARG C 25 -9.56 2.63 -11.51
C ARG C 25 -8.59 3.07 -10.44
N ILE C 26 -8.15 2.10 -9.63
CA ILE C 26 -7.13 2.40 -8.63
C ILE C 26 -5.80 1.74 -8.96
N GLY C 27 -4.72 2.39 -8.54
CA GLY C 27 -3.38 1.82 -8.69
C GLY C 27 -2.59 2.00 -7.42
N GLN C 28 -1.61 1.11 -7.22
CA GLN C 28 -0.76 1.17 -6.01
C GLN C 28 0.67 0.94 -6.43
N GLY C 29 1.60 1.62 -5.76
CA GLY C 29 2.99 1.56 -6.19
C GLY C 29 3.87 1.40 -4.96
N TYR C 30 4.99 0.71 -5.17
CA TYR C 30 5.97 0.48 -4.11
C TYR C 30 7.35 0.70 -4.69
N ASP C 31 8.25 1.33 -3.92
CA ASP C 31 9.65 1.34 -4.34
C ASP C 31 10.57 1.42 -3.12
N VAL C 32 11.80 0.97 -3.31
CA VAL C 32 12.80 1.12 -2.24
C VAL C 32 14.17 1.21 -2.92
N HIS C 33 15.06 2.07 -2.40
CA HIS C 33 16.43 2.11 -2.85
C HIS C 33 17.37 2.17 -1.68
N GLN C 34 18.59 1.70 -1.91
CA GLN C 34 19.64 1.79 -0.89
C GLN C 34 20.17 3.20 -0.79
N LEU C 35 20.53 3.60 0.43
CA LEU C 35 21.23 4.86 0.68
C LEU C 35 22.72 4.59 0.67
N VAL C 36 23.44 5.36 -0.17
CA VAL C 36 24.89 5.15 -0.39
C VAL C 36 25.65 6.48 -0.37
N PRO C 37 26.93 6.46 0.03
CA PRO C 37 27.72 7.69 0.03
C PRO C 37 28.01 8.17 -1.39
N GLY C 38 28.28 9.45 -1.56
CA GLY C 38 28.75 9.96 -2.85
C GLY C 38 27.67 10.24 -3.88
N ARG C 39 26.41 10.26 -3.42
CA ARG C 39 25.27 10.54 -4.28
C ARG C 39 24.32 11.55 -3.61
N PRO C 40 23.71 12.45 -4.39
CA PRO C 40 22.76 13.39 -3.78
C PRO C 40 21.46 12.69 -3.41
N LEU C 41 20.80 13.15 -2.34
CA LEU C 41 19.51 12.63 -1.98
C LEU C 41 18.43 13.43 -2.69
N ILE C 42 17.73 12.77 -3.59
CA ILE C 42 16.69 13.42 -4.37
C ILE C 42 15.39 12.66 -4.16
N ILE C 43 14.39 13.32 -3.60
CA ILE C 43 13.08 12.67 -3.33
C ILE C 43 11.98 13.64 -3.74
N GLY C 44 11.05 13.16 -4.57
CA GLY C 44 9.96 14.01 -5.08
C GLY C 44 10.54 15.19 -5.84
N GLY C 45 11.71 14.96 -6.46
CA GLY C 45 12.38 15.97 -7.28
C GLY C 45 13.16 16.99 -6.46
N VAL C 46 13.11 16.85 -5.13
CA VAL C 46 13.78 17.81 -4.24
C VAL C 46 15.13 17.28 -3.77
N THR C 47 16.18 18.07 -3.98
CA THR C 47 17.49 17.72 -3.44
C THR C 47 17.54 18.12 -1.97
N ILE C 48 17.80 17.14 -1.11
CA ILE C 48 17.76 17.35 0.31
C ILE C 48 19.17 17.14 0.81
N PRO C 49 19.70 18.11 1.62
CA PRO C 49 21.05 17.96 2.17
C PRO C 49 21.16 16.71 3.05
N TYR C 50 22.19 15.89 2.79
CA TYR C 50 22.35 14.59 3.46
C TYR C 50 23.64 13.93 3.01
N GLU C 51 24.25 13.15 3.89
CA GLU C 51 25.58 12.59 3.63
C GLU C 51 25.54 11.37 2.67
N ARG C 52 24.34 10.88 2.41
CA ARG C 52 24.14 9.77 1.50
C ARG C 52 23.00 10.08 0.55
N GLY C 53 22.91 9.35 -0.55
CA GLY C 53 21.78 9.52 -1.48
C GLY C 53 21.33 8.18 -2.00
N LEU C 54 20.29 8.17 -2.83
CA LEU C 54 19.72 6.89 -3.23
C LEU C 54 20.42 6.31 -4.47
N LEU C 55 20.60 4.99 -4.43
CA LEU C 55 21.32 4.29 -5.46
C LEU C 55 20.33 3.65 -6.42
N GLY C 56 20.52 3.75 -7.73
CA GLY C 56 19.55 3.04 -8.53
C GLY C 56 19.31 3.48 -9.95
N HIS C 57 18.20 3.00 -10.50
CA HIS C 57 17.83 3.36 -11.84
C HIS C 57 17.66 4.87 -11.82
N SER C 58 18.24 5.50 -12.82
CA SER C 58 18.22 6.95 -12.99
C SER C 58 18.79 7.65 -11.75
N ASP C 59 18.08 8.66 -11.28
CA ASP C 59 18.45 9.40 -10.04
C ASP C 59 17.89 8.75 -8.75
N ALA C 60 17.30 7.57 -8.91
CA ALA C 60 16.79 6.77 -7.81
C ALA C 60 15.75 7.50 -6.97
N ASP C 61 14.93 8.33 -7.60
CA ASP C 61 13.90 9.04 -6.85
C ASP C 61 12.76 8.08 -6.47
N VAL C 62 12.90 7.50 -5.28
CA VAL C 62 12.02 6.43 -4.80
C VAL C 62 10.55 6.90 -4.81
N LEU C 63 10.29 8.17 -4.48
CA LEU C 63 8.90 8.64 -4.39
C LEU C 63 8.29 8.74 -5.79
N LEU C 64 9.03 9.30 -6.73
CA LEU C 64 8.48 9.48 -8.08
C LEU C 64 8.30 8.13 -8.73
N HIS C 65 9.21 7.20 -8.46
CA HIS C 65 9.06 5.84 -8.99
C HIS C 65 7.81 5.13 -8.47
N ALA C 66 7.56 5.26 -7.18
CA ALA C 66 6.38 4.61 -6.57
C ALA C 66 5.11 5.20 -7.19
N ILE C 67 5.07 6.51 -7.35
CA ILE C 67 3.93 7.15 -8.00
C ILE C 67 3.75 6.72 -9.47
N THR C 68 4.86 6.68 -10.21
CA THR C 68 4.88 6.19 -11.59
C THR C 68 4.27 4.78 -11.69
N ASP C 69 4.69 3.88 -10.80
CA ASP C 69 4.14 2.53 -10.82
C ASP C 69 2.63 2.52 -10.45
N ALA C 70 2.20 3.36 -9.51
CA ALA C 70 0.78 3.43 -9.17
C ALA C 70 -0.06 3.89 -10.36
N LEU C 71 0.47 4.85 -11.11
CA LEU C 71 -0.24 5.37 -12.28
C LEU C 71 -0.29 4.35 -13.41
N PHE C 72 0.84 3.71 -13.73
CA PHE C 72 0.80 2.59 -14.71
C PHE C 72 -0.16 1.48 -14.24
N GLY C 73 -0.14 1.23 -12.94
CA GLY C 73 -1.03 0.21 -12.36
C GLY C 73 -2.51 0.51 -12.53
N ALA C 74 -2.88 1.75 -12.23
CA ALA C 74 -4.29 2.18 -12.35
C ALA C 74 -4.77 2.11 -13.80
N ALA C 75 -3.87 2.38 -14.75
CA ALA C 75 -4.23 2.34 -16.18
C ALA C 75 -4.04 0.96 -16.80
N ALA C 76 -3.66 -0.01 -15.96
CA ALA C 76 -3.35 -1.39 -16.38
C ALA C 76 -2.35 -1.44 -17.52
N LEU C 77 -1.31 -0.61 -17.38
CA LEU C 77 -0.24 -0.50 -18.39
C LEU C 77 1.05 -1.21 -18.01
N GLY C 78 0.99 -2.08 -17.00
CA GLY C 78 2.19 -2.83 -16.57
C GLY C 78 2.94 -2.09 -15.47
N ASP C 79 4.24 -1.87 -15.67
CA ASP C 79 5.05 -1.22 -14.65
C ASP C 79 6.22 -0.43 -15.25
N ILE C 80 6.93 0.27 -14.36
CA ILE C 80 7.97 1.18 -14.78
C ILE C 80 9.04 0.46 -15.65
N GLY C 81 9.36 -0.80 -15.32
CA GLY C 81 10.42 -1.52 -16.02
C GLY C 81 10.01 -1.99 -17.41
N ARG C 82 8.70 -2.18 -17.61
CA ARG C 82 8.15 -2.53 -18.91
C ARG C 82 8.13 -1.34 -19.89
N HIS C 83 8.14 -0.11 -19.36
CA HIS C 83 8.10 1.09 -20.20
C HIS C 83 9.47 1.72 -20.46
N PHE C 84 10.34 1.64 -19.46
CA PHE C 84 11.58 2.40 -19.49
C PHE C 84 12.75 1.46 -19.30
N SER C 85 13.46 1.19 -20.40
CA SER C 85 14.64 0.31 -20.45
C SER C 85 15.92 1.07 -20.53
N ASP C 86 17.01 0.36 -20.27
CA ASP C 86 18.36 0.84 -20.48
C ASP C 86 18.63 1.00 -21.97
N THR C 87 18.00 0.16 -22.74
CA THR C 87 18.16 0.13 -24.18
C THR C 87 17.57 1.34 -24.95
N ASP C 88 16.65 2.09 -24.36
CA ASP C 88 15.93 3.15 -25.08
C ASP C 88 16.66 4.50 -25.04
N PRO C 89 17.08 5.01 -26.23
CA PRO C 89 17.86 6.26 -26.31
C PRO C 89 17.07 7.50 -25.86
N ARG C 90 15.73 7.41 -25.87
CA ARG C 90 14.90 8.50 -25.38
C ARG C 90 15.08 8.70 -23.86
N PHE C 91 15.31 7.60 -23.14
CA PHE C 91 15.31 7.59 -21.67
C PHE C 91 16.67 7.32 -21.04
N LYS C 92 17.70 7.14 -21.87
CA LYS C 92 19.06 6.95 -21.37
C LYS C 92 19.47 8.16 -20.53
N GLY C 93 19.69 7.92 -19.24
CA GLY C 93 20.11 8.99 -18.33
C GLY C 93 19.04 10.04 -18.04
N ALA C 94 17.76 9.69 -18.25
CA ALA C 94 16.64 10.58 -17.92
C ALA C 94 16.45 10.63 -16.41
N ASP C 95 16.13 11.81 -15.88
CA ASP C 95 15.85 11.90 -14.45
C ASP C 95 14.42 11.42 -14.21
N SER C 96 14.07 11.17 -12.95
CA SER C 96 12.78 10.55 -12.68
C SER C 96 11.60 11.46 -12.96
N ARG C 97 11.85 12.76 -13.04
CA ARG C 97 10.73 13.66 -13.37
C ARG C 97 10.34 13.54 -14.85
N ALA C 98 11.34 13.41 -15.74
CA ALA C 98 11.06 13.14 -17.15
C ALA C 98 10.27 11.83 -17.28
N LEU C 99 10.65 10.83 -16.51
CA LEU C 99 9.93 9.56 -16.54
C LEU C 99 8.51 9.68 -16.03
N LEU C 100 8.31 10.47 -14.97
CA LEU C 100 6.98 10.70 -14.41
C LEU C 100 6.12 11.40 -15.43
N ARG C 101 6.69 12.38 -16.13
CA ARG C 101 5.96 13.10 -17.19
C ARG C 101 5.60 12.16 -18.33
N GLU C 102 6.51 11.25 -18.67
CA GLU C 102 6.25 10.30 -19.75
C GLU C 102 5.14 9.33 -19.34
N CYS C 103 5.20 8.91 -18.07
CA CYS C 103 4.15 8.06 -17.48
C CYS C 103 2.80 8.74 -17.66
N ALA C 104 2.73 10.02 -17.28
CA ALA C 104 1.48 10.78 -17.40
C ALA C 104 1.00 10.81 -18.85
N SER C 105 1.94 10.94 -19.78
CA SER C 105 1.65 10.94 -21.20
C SER C 105 1.02 9.62 -21.64
N ARG C 106 1.66 8.52 -21.23
CA ARG C 106 1.13 7.19 -21.58
C ARG C 106 -0.23 6.87 -20.95
N VAL C 107 -0.45 7.35 -19.74
CA VAL C 107 -1.77 7.22 -19.07
C VAL C 107 -2.86 7.96 -19.87
N ALA C 108 -2.54 9.16 -20.33
CA ALA C 108 -3.49 9.97 -21.14
C ALA C 108 -3.74 9.26 -22.46
N GLN C 109 -2.65 8.75 -23.04
CA GLN C 109 -2.70 8.06 -24.33
C GLN C 109 -3.64 6.85 -24.23
N ALA C 110 -3.68 6.21 -23.06
CA ALA C 110 -4.55 5.04 -22.86
C ALA C 110 -6.00 5.44 -22.59
N GLY C 111 -6.27 6.74 -22.51
CA GLY C 111 -7.64 7.27 -22.32
C GLY C 111 -8.01 7.61 -20.88
N PHE C 112 -7.03 7.70 -19.99
CA PHE C 112 -7.31 7.97 -18.58
C PHE C 112 -6.94 9.38 -18.16
N ALA C 113 -7.74 9.94 -17.25
CA ALA C 113 -7.41 11.20 -16.58
C ALA C 113 -7.04 10.91 -15.14
N ILE C 114 -6.01 11.59 -14.62
CA ILE C 114 -5.61 11.37 -13.21
C ILE C 114 -6.49 12.21 -12.27
N ARG C 115 -7.05 11.57 -11.25
CA ARG C 115 -7.92 12.27 -10.29
C ARG C 115 -7.17 12.66 -9.01
N ASN C 116 -6.38 11.76 -8.44
CA ASN C 116 -5.55 12.17 -7.33
C ASN C 116 -4.43 11.18 -7.07
N VAL C 117 -3.42 11.66 -6.35
CA VAL C 117 -2.29 10.85 -5.94
CA VAL C 117 -2.33 10.78 -5.91
C VAL C 117 -2.07 11.03 -4.44
N ASP C 118 -1.81 9.95 -3.73
CA ASP C 118 -1.39 10.03 -2.33
C ASP C 118 -0.15 9.15 -2.18
N SER C 119 0.69 9.42 -1.17
CA SER C 119 1.94 8.70 -1.05
C SER C 119 2.52 8.82 0.36
N THR C 120 3.46 7.93 0.65
CA THR C 120 4.19 7.99 1.94
C THR C 120 5.66 7.68 1.65
N ILE C 121 6.57 8.48 2.20
CA ILE C 121 7.99 8.18 2.18
C ILE C 121 8.32 7.65 3.56
N ILE C 122 9.00 6.50 3.63
CA ILE C 122 9.47 5.96 4.90
C ILE C 122 10.99 6.13 4.97
N ALA C 123 11.43 7.05 5.82
CA ALA C 123 12.85 7.35 5.95
C ALA C 123 13.10 7.65 7.41
N GLN C 124 14.07 6.97 8.00
CA GLN C 124 14.42 7.25 9.39
C GLN C 124 15.00 8.64 9.50
N ALA C 125 15.77 9.01 8.48
CA ALA C 125 16.43 10.30 8.39
C ALA C 125 16.73 10.58 6.90
N PRO C 126 16.91 11.85 6.53
CA PRO C 126 16.79 13.07 7.35
C PRO C 126 15.33 13.52 7.53
N LYS C 127 15.15 14.64 8.20
CA LYS C 127 13.84 15.27 8.37
C LYS C 127 13.32 15.74 7.02
N LEU C 128 12.16 15.20 6.62
CA LEU C 128 11.60 15.53 5.31
C LEU C 128 10.57 16.65 5.35
N ALA C 129 10.02 16.91 6.54
CA ALA C 129 8.94 17.90 6.69
C ALA C 129 9.14 19.21 5.93
N PRO C 130 10.33 19.84 5.99
CA PRO C 130 10.40 21.16 5.32
C PRO C 130 10.44 21.10 3.78
N HIS C 131 10.52 19.88 3.27
CA HIS C 131 10.64 19.61 1.83
C HIS C 131 9.36 19.11 1.19
N ILE C 132 8.37 18.72 2.01
CA ILE C 132 7.17 18.03 1.50
C ILE C 132 6.35 18.89 0.54
N ASP C 133 6.11 20.14 0.89
CA ASP C 133 5.27 20.95 0.03
C ASP C 133 5.94 21.16 -1.35
N ALA C 134 7.28 21.23 -1.37
CA ALA C 134 7.99 21.39 -2.65
C ALA C 134 7.86 20.11 -3.51
N MET C 135 7.89 18.94 -2.84
CA MET C 135 7.65 17.66 -3.52
C MET C 135 6.28 17.64 -4.15
N ARG C 136 5.28 18.04 -3.38
CA ARG C 136 3.91 18.09 -3.87
C ARG C 136 3.83 19.00 -5.08
N ALA C 137 4.45 20.18 -4.98
CA ALA C 137 4.44 21.14 -6.09
C ALA C 137 5.04 20.53 -7.36
N ASN C 138 6.18 19.85 -7.21
CA ASN C 138 6.87 19.17 -8.33
C ASN C 138 6.00 18.12 -9.00
N ILE C 139 5.37 17.28 -8.17
CA ILE C 139 4.53 16.19 -8.69
C ILE C 139 3.31 16.76 -9.40
N ALA C 140 2.69 17.77 -8.79
CA ALA C 140 1.52 18.43 -9.37
C ALA C 140 1.88 19.03 -10.73
N ALA C 141 3.04 19.68 -10.81
CA ALA C 141 3.47 20.25 -12.09
C ALA C 141 3.66 19.16 -13.13
N ASP C 142 4.36 18.09 -12.75
CA ASP C 142 4.65 16.98 -13.68
C ASP C 142 3.43 16.25 -14.19
N LEU C 143 2.42 16.14 -13.34
CA LEU C 143 1.17 15.46 -13.68
C LEU C 143 0.07 16.37 -14.19
N ASP C 144 0.37 17.67 -14.27
N ASP C 144 0.36 17.67 -14.24
CA ASP C 144 -0.61 18.69 -14.64
CA ASP C 144 -0.62 18.69 -14.59
C ASP C 144 -1.87 18.63 -13.75
C ASP C 144 -1.87 18.60 -13.74
N LEU C 145 -1.65 18.55 -12.44
CA LEU C 145 -2.74 18.49 -11.46
C LEU C 145 -2.70 19.69 -10.54
N PRO C 146 -3.86 20.08 -10.02
CA PRO C 146 -3.82 21.07 -8.96
C PRO C 146 -3.22 20.49 -7.70
N LEU C 147 -2.68 21.38 -6.87
CA LEU C 147 -1.96 21.01 -5.67
C LEU C 147 -2.84 20.17 -4.74
N ASP C 148 -4.13 20.48 -4.74
CA ASP C 148 -5.07 19.86 -3.84
C ASP C 148 -5.48 18.44 -4.26
N ARG C 149 -4.86 17.91 -5.32
CA ARG C 149 -5.08 16.49 -5.72
C ARG C 149 -3.81 15.67 -5.60
N VAL C 150 -2.80 16.26 -4.98
CA VAL C 150 -1.52 15.60 -4.75
C VAL C 150 -1.14 15.67 -3.29
N ASN C 151 -0.80 14.50 -2.74
CA ASN C 151 -0.40 14.45 -1.36
C ASN C 151 0.85 13.59 -1.15
N VAL C 152 1.71 14.04 -0.22
CA VAL C 152 2.92 13.30 0.19
C VAL C 152 3.01 13.29 1.72
N LYS C 153 3.19 12.11 2.29
CA LYS C 153 3.30 11.94 3.73
C LYS C 153 4.65 11.36 4.07
N ALA C 154 5.11 11.51 5.31
CA ALA C 154 6.40 10.94 5.70
C ALA C 154 6.30 10.19 7.02
N LYS C 155 7.06 9.10 7.11
CA LYS C 155 7.06 8.23 8.27
C LYS C 155 8.48 7.83 8.60
N THR C 156 8.83 7.72 9.89
CA THR C 156 10.05 6.97 10.22
C THR C 156 9.69 5.50 10.28
N ASN C 157 10.69 4.64 10.49
CA ASN C 157 10.37 3.23 10.72
C ASN C 157 10.64 2.77 12.15
N GLU C 158 10.65 3.73 13.08
CA GLU C 158 10.83 3.44 14.50
C GLU C 158 12.07 2.58 14.75
N LYS C 159 13.14 2.89 14.02
CA LYS C 159 14.42 2.21 14.11
C LYS C 159 14.36 0.70 13.85
N LEU C 160 13.30 0.23 13.21
CA LEU C 160 13.18 -1.17 12.89
C LEU C 160 13.68 -1.49 11.50
N GLY C 161 14.39 -2.61 11.39
CA GLY C 161 14.79 -3.11 10.06
C GLY C 161 15.77 -2.22 9.30
N TYR C 162 15.96 -2.55 8.02
CA TYR C 162 16.94 -1.82 7.21
C TYR C 162 16.54 -0.35 7.04
N LEU C 163 15.23 -0.09 6.96
CA LEU C 163 14.75 1.30 6.96
C LEU C 163 15.14 2.03 8.25
N GLY C 164 14.95 1.33 9.38
CA GLY C 164 15.17 1.94 10.70
C GLY C 164 16.64 2.16 10.94
N ARG C 165 17.47 1.39 10.25
CA ARG C 165 18.94 1.52 10.37
C ARG C 165 19.49 2.52 9.37
N GLY C 166 18.64 3.08 8.53
CA GLY C 166 19.05 4.05 7.52
C GLY C 166 19.78 3.45 6.36
N GLU C 167 19.51 2.18 6.05
CA GLU C 167 20.15 1.52 4.91
C GLU C 167 19.46 1.82 3.56
N GLY C 168 18.22 2.27 3.64
CA GLY C 168 17.47 2.62 2.44
C GLY C 168 16.25 3.45 2.78
N ILE C 169 15.50 3.85 1.75
CA ILE C 169 14.28 4.65 1.96
C ILE C 169 13.23 4.00 1.03
N GLU C 170 11.99 3.87 1.53
CA GLU C 170 10.89 3.22 0.81
C GLU C 170 9.90 4.30 0.46
N ALA C 171 9.13 4.11 -0.59
CA ALA C 171 7.98 4.96 -0.84
C ALA C 171 6.79 4.10 -1.30
N GLN C 172 5.59 4.51 -0.88
CA GLN C 172 4.36 3.84 -1.24
C GLN C 172 3.49 4.89 -1.90
N ALA C 173 2.69 4.48 -2.88
CA ALA C 173 1.80 5.44 -3.55
C ALA C 173 0.46 4.81 -3.88
N ALA C 174 -0.57 5.65 -3.93
CA ALA C 174 -1.86 5.19 -4.40
C ALA C 174 -2.34 6.22 -5.41
N ALA C 175 -2.97 5.77 -6.50
CA ALA C 175 -3.51 6.72 -7.48
C ALA C 175 -4.88 6.33 -7.96
N LEU C 176 -5.74 7.33 -8.12
CA LEU C 176 -7.04 7.15 -8.73
C LEU C 176 -7.09 7.84 -10.09
N VAL C 177 -7.56 7.11 -11.10
CA VAL C 177 -7.75 7.63 -12.46
C VAL C 177 -9.18 7.33 -12.93
N VAL C 178 -9.58 7.96 -14.03
CA VAL C 178 -10.86 7.65 -14.60
C VAL C 178 -10.73 7.61 -16.12
N ARG C 179 -11.36 6.60 -16.73
CA ARG C 179 -11.51 6.53 -18.19
C ARG C 179 -12.85 7.14 -18.63
#